data_4CEM
#
_entry.id   4CEM
#
_cell.length_a   101.080
_cell.length_b   101.080
_cell.length_c   158.880
_cell.angle_alpha   90.00
_cell.angle_beta   90.00
_cell.angle_gamma   120.00
#
_symmetry.space_group_name_H-M   'P 65'
#
loop_
_entity.id
_entity.type
_entity.pdbx_description
1 polymer 'REGULATOR OF NONSENSE TRANSCRIPTS 2'
2 water water
#
_entity_poly.entity_id   1
_entity_poly.type   'polypeptide(L)'
_entity_poly.pdbx_seq_one_letter_code
;GA(MSE)G(MSE)KEKEESIQLHQEAWERHHLRKELRSKNQNAPDSRPEENFFSRLDSSIKKNTAFVKKLKTITEQQRDS
LSHDFNGLNLSKYIAEAVASIVEAKLKISDVNCAVHLCSLFHQRYADFAPSLLQVWKKHFEARKEEKTPNITKLRTDLRF
IAELTIVGIFTDKEGLSLIYEQLKNIINADRESHTHVSVVISFCRHCGDDIAGLVPRKVKSAAEKFNLSFPPSEIISPEK
QQPFQNLLKEYFTSLTKHLKRDHRELQNTERQNRRILHSKGELSEDRHKQYEEFA(MSE)SYQKLLANSQSLADLLDEN
(MSE)PDLPQDKPTPEEHGPGIDIFTPGKPGEYDLEGGIWEDEDARNFYENLIDLKAFVPAILFKDN
;
_entity_poly.pdbx_strand_id   A,B
#
# COMPACT_ATOMS: atom_id res chain seq x y z
N MSE A 5 32.21 13.10 -2.55
CA MSE A 5 31.86 14.42 -1.94
C MSE A 5 30.78 14.26 -0.90
O MSE A 5 29.87 13.45 -1.05
CB MSE A 5 31.43 15.37 -3.08
CG MSE A 5 31.18 16.81 -2.63
SE MSE A 5 32.72 17.60 -1.67
CE MSE A 5 34.21 16.88 -2.74
N LYS A 6 30.91 15.03 0.18
CA LYS A 6 29.97 14.98 1.30
C LYS A 6 28.59 15.53 0.93
N GLU A 7 28.58 16.67 0.24
CA GLU A 7 27.34 17.35 -0.15
C GLU A 7 26.39 16.47 -0.97
N LYS A 8 26.95 15.61 -1.82
CA LYS A 8 26.14 14.71 -2.62
C LYS A 8 25.48 13.61 -1.75
N GLU A 9 26.22 13.09 -0.78
CA GLU A 9 25.69 12.00 0.05
C GLU A 9 24.54 12.47 0.94
N GLU A 10 24.64 13.69 1.44
CA GLU A 10 23.55 14.29 2.20
C GLU A 10 22.31 14.47 1.33
N SER A 11 22.50 14.91 0.09
CA SER A 11 21.39 15.11 -0.84
C SER A 11 20.71 13.80 -1.18
N ILE A 12 21.49 12.75 -1.41
CA ILE A 12 20.90 11.43 -1.64
C ILE A 12 20.10 10.99 -0.43
N GLN A 13 20.60 11.26 0.78
CA GLN A 13 19.85 10.92 2.00
C GLN A 13 18.54 11.68 2.08
N LEU A 14 18.60 13.00 1.91
CA LEU A 14 17.39 13.81 1.92
C LEU A 14 16.37 13.19 0.96
N HIS A 15 16.79 13.08 -0.31
CA HIS A 15 16.00 12.45 -1.37
C HIS A 15 15.46 11.06 -1.04
N GLN A 16 16.22 10.24 -0.33
CA GLN A 16 15.76 8.91 0.05
C GLN A 16 14.68 8.97 1.13
N GLU A 17 14.87 9.85 2.10
CA GLU A 17 13.90 10.03 3.18
C GLU A 17 12.60 10.61 2.66
N ALA A 18 12.71 11.57 1.76
CA ALA A 18 11.57 12.16 1.10
C ALA A 18 10.68 11.07 0.51
N TRP A 19 11.28 10.15 -0.23
CA TRP A 19 10.50 9.12 -0.91
C TRP A 19 9.92 8.10 0.05
N GLU A 20 10.69 7.68 1.04
CA GLU A 20 10.19 6.77 2.07
C GLU A 20 8.97 7.38 2.76
N ARG A 21 9.11 8.63 3.18
CA ARG A 21 8.02 9.39 3.76
C ARG A 21 6.81 9.39 2.81
N HIS A 22 7.05 9.67 1.54
CA HIS A 22 5.97 9.83 0.59
C HIS A 22 5.28 8.51 0.34
N HIS A 23 6.06 7.47 0.08
CA HIS A 23 5.46 6.18 -0.22
C HIS A 23 4.64 5.67 0.92
N LEU A 24 5.12 5.85 2.15
CA LEU A 24 4.38 5.37 3.34
C LEU A 24 3.03 6.08 3.50
N ARG A 25 3.07 7.41 3.41
CA ARG A 25 1.87 8.22 3.53
C ARG A 25 0.80 7.83 2.50
N LYS A 26 1.25 7.59 1.27
CA LYS A 26 0.38 7.25 0.15
C LYS A 26 -0.28 5.90 0.38
N GLU A 27 0.48 5.00 0.97
CA GLU A 27 0.04 3.64 1.23
C GLU A 27 -0.97 3.63 2.39
N LEU A 28 -0.61 4.28 3.49
CA LEU A 28 -1.48 4.41 4.65
C LEU A 28 -2.77 5.17 4.37
N ARG A 29 -2.68 6.26 3.63
CA ARG A 29 -3.87 7.04 3.26
C ARG A 29 -4.85 6.20 2.46
N SER A 30 -4.32 5.39 1.55
CA SER A 30 -5.17 4.53 0.72
C SER A 30 -5.98 3.56 1.58
N LYS A 31 -5.28 2.82 2.44
CA LYS A 31 -5.93 1.86 3.35
C LYS A 31 -6.94 2.50 4.29
N ASN A 32 -6.57 3.64 4.85
CA ASN A 32 -7.42 4.29 5.84
C ASN A 32 -8.70 4.86 5.24
N GLN A 33 -8.58 5.55 4.11
CA GLN A 33 -9.75 6.07 3.43
C GLN A 33 -10.68 4.96 2.97
N ASN A 34 -10.10 3.82 2.58
CA ASN A 34 -10.88 2.68 2.10
C ASN A 34 -11.42 1.75 3.21
N ALA A 35 -11.08 2.05 4.47
CA ALA A 35 -11.46 1.21 5.62
C ALA A 35 -12.95 0.86 5.76
N PRO A 36 -13.85 1.84 5.59
CA PRO A 36 -15.25 1.58 5.92
C PRO A 36 -15.79 0.30 5.31
N ASP A 37 -15.62 0.17 4.00
CA ASP A 37 -16.28 -0.89 3.26
C ASP A 37 -15.85 -2.29 3.68
N SER A 38 -14.73 -2.42 4.39
CA SER A 38 -14.25 -3.72 4.83
C SER A 38 -13.75 -3.78 6.29
N ARG A 39 -14.52 -3.21 7.21
CA ARG A 39 -14.32 -3.50 8.63
C ARG A 39 -14.90 -4.89 8.91
N PRO A 40 -14.36 -5.61 9.90
CA PRO A 40 -14.88 -6.96 10.17
C PRO A 40 -16.25 -6.91 10.86
N GLU A 41 -16.90 -8.07 10.97
CA GLU A 41 -18.26 -8.11 11.52
C GLU A 41 -18.35 -8.89 12.85
N GLU A 42 -19.52 -8.78 13.48
CA GLU A 42 -19.88 -9.49 14.70
C GLU A 42 -19.12 -10.82 14.87
N ASN A 43 -19.25 -11.73 13.91
CA ASN A 43 -18.67 -13.06 14.04
C ASN A 43 -17.16 -13.03 14.24
N PHE A 44 -16.48 -12.16 13.50
CA PHE A 44 -15.04 -12.00 13.63
C PHE A 44 -14.68 -11.51 15.02
N PHE A 45 -15.43 -10.54 15.52
CA PHE A 45 -15.18 -9.99 16.86
C PHE A 45 -15.42 -11.01 17.96
N SER A 46 -16.35 -11.94 17.71
CA SER A 46 -16.65 -13.02 18.65
C SER A 46 -15.43 -13.82 19.04
N ARG A 47 -14.56 -14.05 18.05
CA ARG A 47 -13.40 -14.92 18.24
C ARG A 47 -12.19 -14.21 18.83
N LEU A 48 -12.22 -12.89 18.92
CA LEU A 48 -11.18 -12.17 19.64
C LEU A 48 -11.67 -12.08 21.07
N ASP A 49 -10.77 -11.80 22.01
CA ASP A 49 -11.17 -11.86 23.41
C ASP A 49 -11.48 -10.48 23.98
N SER A 50 -12.59 -10.41 24.72
CA SER A 50 -13.08 -9.16 25.32
C SER A 50 -12.68 -9.01 26.78
N SER A 51 -11.76 -9.82 27.28
CA SER A 51 -11.51 -9.83 28.71
C SER A 51 -11.17 -8.42 29.16
N ILE A 52 -11.67 -8.02 30.32
CA ILE A 52 -11.37 -6.71 30.90
C ILE A 52 -9.91 -6.64 31.27
N LYS A 53 -9.37 -7.71 31.82
CA LYS A 53 -7.96 -7.73 32.22
C LYS A 53 -7.06 -7.33 31.04
N LYS A 54 -7.20 -8.05 29.94
CA LYS A 54 -6.29 -7.90 28.80
C LYS A 54 -6.48 -6.58 28.07
N ASN A 55 -7.73 -6.24 27.78
CA ASN A 55 -8.03 -4.97 27.14
C ASN A 55 -7.59 -3.77 27.96
N THR A 56 -7.69 -3.87 29.28
CA THR A 56 -7.26 -2.78 30.16
C THR A 56 -5.75 -2.71 30.17
N ALA A 57 -5.09 -3.87 30.25
CA ALA A 57 -3.63 -3.94 30.16
C ALA A 57 -3.17 -3.24 28.89
N PHE A 58 -3.79 -3.58 27.77
CA PHE A 58 -3.43 -3.02 26.49
C PHE A 58 -3.59 -1.51 26.46
N VAL A 59 -4.75 -1.02 26.93
CA VAL A 59 -4.99 0.42 27.00
C VAL A 59 -3.91 1.14 27.80
N LYS A 60 -3.36 0.46 28.80
CA LYS A 60 -2.31 1.07 29.61
C LYS A 60 -0.99 1.14 28.84
N LYS A 61 -0.66 0.07 28.11
CA LYS A 61 0.55 0.05 27.28
C LYS A 61 0.53 1.15 26.24
N LEU A 62 -0.66 1.47 25.72
CA LEU A 62 -0.81 2.56 24.76
C LEU A 62 -0.39 3.94 25.30
N LYS A 63 -0.16 4.06 26.60
CA LYS A 63 0.28 5.33 27.16
C LYS A 63 1.75 5.59 26.92
N THR A 64 2.52 4.54 26.63
CA THR A 64 3.95 4.66 26.38
C THR A 64 4.33 4.00 25.05
N ILE A 65 3.72 4.48 23.97
CA ILE A 65 3.94 3.88 22.66
C ILE A 65 5.37 4.14 22.22
N THR A 66 6.01 3.11 21.70
CA THR A 66 7.43 3.15 21.39
C THR A 66 7.72 2.34 20.14
N GLU A 67 8.65 2.82 19.31
CA GLU A 67 8.96 2.20 18.03
C GLU A 67 9.28 0.73 18.18
N GLN A 68 10.05 0.38 19.20
CA GLN A 68 10.45 -1.01 19.37
C GLN A 68 9.32 -1.90 19.92
N GLN A 69 8.12 -1.33 20.07
CA GLN A 69 6.93 -2.12 20.38
C GLN A 69 5.97 -2.28 19.20
N ARG A 70 6.34 -1.73 18.05
CA ARG A 70 5.46 -1.77 16.87
C ARG A 70 4.85 -3.14 16.67
N ASP A 71 5.70 -4.16 16.67
CA ASP A 71 5.24 -5.54 16.46
C ASP A 71 4.53 -6.12 17.69
N SER A 72 5.04 -5.85 18.88
CA SER A 72 4.45 -6.40 20.09
C SER A 72 3.05 -5.83 20.36
N LEU A 73 2.90 -4.51 20.24
CA LEU A 73 1.59 -3.89 20.42
C LEU A 73 0.63 -4.30 19.31
N SER A 74 1.16 -4.47 18.10
CA SER A 74 0.35 -4.98 16.99
C SER A 74 -0.14 -6.38 17.27
N HIS A 75 0.74 -7.23 17.77
CA HIS A 75 0.39 -8.63 18.09
C HIS A 75 -0.72 -8.68 19.10
N ASP A 76 -0.59 -7.94 20.18
CA ASP A 76 -1.65 -7.88 21.18
C ASP A 76 -2.93 -7.33 20.57
N PHE A 77 -2.83 -6.19 19.88
CA PHE A 77 -3.99 -5.60 19.24
C PHE A 77 -4.82 -6.62 18.46
N ASN A 78 -4.16 -7.45 17.66
CA ASN A 78 -4.90 -8.35 16.77
C ASN A 78 -5.70 -9.43 17.49
N GLY A 79 -5.38 -9.69 18.76
CA GLY A 79 -6.05 -10.71 19.54
C GLY A 79 -7.19 -10.22 20.44
N LEU A 80 -7.25 -8.91 20.63
CA LEU A 80 -8.22 -8.30 21.53
C LEU A 80 -9.47 -7.81 20.81
N ASN A 81 -10.61 -7.89 21.49
CA ASN A 81 -11.82 -7.21 21.05
C ASN A 81 -11.91 -5.91 21.82
N LEU A 82 -11.52 -4.82 21.19
CA LEU A 82 -11.46 -3.50 21.83
C LEU A 82 -12.73 -2.67 21.60
N SER A 83 -13.78 -3.32 21.09
CA SER A 83 -15.06 -2.66 20.80
C SER A 83 -15.56 -1.73 21.89
N LYS A 84 -15.40 -2.15 23.15
CA LYS A 84 -15.90 -1.38 24.29
C LYS A 84 -14.90 -0.39 24.87
N TYR A 85 -13.64 -0.42 24.40
CA TYR A 85 -12.57 0.34 25.08
C TYR A 85 -11.97 1.46 24.21
N ILE A 86 -12.71 1.88 23.19
CA ILE A 86 -12.23 2.94 22.28
C ILE A 86 -11.89 4.20 23.05
N ALA A 87 -12.86 4.74 23.79
CA ALA A 87 -12.68 6.00 24.49
C ALA A 87 -11.45 6.00 25.38
N GLU A 88 -11.21 4.87 26.05
CA GLU A 88 -10.06 4.72 26.95
C GLU A 88 -8.75 4.66 26.16
N ALA A 89 -8.75 3.85 25.09
CA ALA A 89 -7.59 3.70 24.22
C ALA A 89 -7.23 5.03 23.55
N VAL A 90 -8.25 5.75 23.08
CA VAL A 90 -8.04 7.07 22.51
C VAL A 90 -7.36 8.00 23.53
N ALA A 91 -7.82 7.96 24.78
CA ALA A 91 -7.28 8.81 25.84
C ALA A 91 -5.79 8.53 26.10
N SER A 92 -5.43 7.25 26.18
CA SER A 92 -4.02 6.86 26.33
C SER A 92 -3.17 7.41 25.18
N ILE A 93 -3.65 7.24 23.96
CA ILE A 93 -2.96 7.70 22.75
C ILE A 93 -2.75 9.22 22.77
N VAL A 94 -3.76 9.99 23.14
CA VAL A 94 -3.61 11.45 23.14
C VAL A 94 -2.67 11.95 24.25
N GLU A 95 -2.68 11.31 25.41
CA GLU A 95 -1.85 11.73 26.54
C GLU A 95 -0.40 11.24 26.42
N ALA A 96 -0.20 10.08 25.81
CA ALA A 96 1.13 9.48 25.69
C ALA A 96 2.20 10.47 25.23
N LYS A 97 3.36 10.43 25.87
CA LYS A 97 4.47 11.33 25.53
C LYS A 97 5.38 10.64 24.55
N LEU A 98 5.29 11.03 23.29
CA LEU A 98 6.01 10.38 22.20
C LEU A 98 7.27 11.14 21.85
N LYS A 99 8.38 10.43 21.68
CA LYS A 99 9.56 11.03 21.11
C LYS A 99 9.36 11.22 19.61
N ILE A 100 10.13 12.13 19.04
CA ILE A 100 10.11 12.39 17.61
C ILE A 100 10.09 11.07 16.82
N SER A 101 10.92 10.11 17.24
CA SER A 101 11.08 8.85 16.53
C SER A 101 9.96 7.82 16.76
N ASP A 102 9.04 8.12 17.68
CA ASP A 102 7.95 7.18 18.03
C ASP A 102 6.63 7.48 17.31
N VAL A 103 6.51 8.65 16.70
CA VAL A 103 5.22 9.08 16.12
C VAL A 103 4.73 8.16 15.00
N ASN A 104 5.62 7.67 14.15
CA ASN A 104 5.24 6.71 13.12
C ASN A 104 4.60 5.45 13.69
N CYS A 105 5.12 4.95 14.81
CA CYS A 105 4.52 3.79 15.45
C CYS A 105 3.10 4.09 15.92
N ALA A 106 2.93 5.22 16.61
CA ALA A 106 1.61 5.63 17.10
C ALA A 106 0.61 5.70 15.94
N VAL A 107 1.05 6.29 14.82
CA VAL A 107 0.19 6.45 13.66
C VAL A 107 -0.17 5.08 13.10
N HIS A 108 0.80 4.17 13.10
CA HIS A 108 0.55 2.78 12.68
C HIS A 108 -0.52 2.15 13.52
N LEU A 109 -0.42 2.33 14.84
CA LEU A 109 -1.42 1.75 15.75
C LEU A 109 -2.76 2.43 15.56
N CYS A 110 -2.74 3.74 15.36
CA CYS A 110 -3.98 4.46 15.08
C CYS A 110 -4.68 3.96 13.80
N SER A 111 -3.89 3.50 12.83
CA SER A 111 -4.45 2.97 11.58
C SER A 111 -5.06 1.60 11.75
N LEU A 112 -4.48 0.76 12.61
CA LEU A 112 -5.08 -0.55 12.88
C LEU A 112 -6.42 -0.37 13.62
N PHE A 113 -6.47 0.57 14.56
CA PHE A 113 -7.73 0.90 15.25
C PHE A 113 -8.76 1.39 14.26
N HIS A 114 -8.38 2.41 13.49
CA HIS A 114 -9.28 3.01 12.52
C HIS A 114 -9.81 2.01 11.54
N GLN A 115 -8.95 1.11 11.08
CA GLN A 115 -9.34 0.11 10.06
C GLN A 115 -10.24 -0.98 10.64
N ARG A 116 -10.20 -1.17 11.95
CA ARG A 116 -11.04 -2.19 12.58
C ARG A 116 -12.34 -1.61 13.18
N TYR A 117 -12.27 -0.41 13.74
CA TYR A 117 -13.36 0.19 14.52
C TYR A 117 -13.86 1.55 14.03
N ALA A 118 -15.11 1.60 13.59
CA ALA A 118 -15.75 2.85 13.14
C ALA A 118 -15.76 3.96 14.19
N ASP A 119 -15.80 3.61 15.47
CA ASP A 119 -15.85 4.61 16.55
C ASP A 119 -14.54 5.34 16.79
N PHE A 120 -13.45 4.85 16.22
CA PHE A 120 -12.13 5.35 16.58
C PHE A 120 -11.90 6.79 16.17
N ALA A 121 -12.05 7.09 14.88
CA ALA A 121 -11.68 8.41 14.35
C ALA A 121 -12.45 9.54 15.02
N PRO A 122 -13.79 9.43 15.13
CA PRO A 122 -14.59 10.46 15.82
C PRO A 122 -14.17 10.68 17.28
N SER A 123 -13.93 9.59 18.02
CA SER A 123 -13.40 9.69 19.38
C SER A 123 -12.03 10.36 19.44
N LEU A 124 -11.11 9.91 18.59
CA LEU A 124 -9.75 10.49 18.54
C LEU A 124 -9.82 11.99 18.29
N LEU A 125 -10.55 12.37 17.25
CA LEU A 125 -10.76 13.77 16.92
C LEU A 125 -11.32 14.51 18.12
N GLN A 126 -12.44 14.02 18.63
CA GLN A 126 -13.15 14.71 19.71
C GLN A 126 -12.24 14.89 20.94
N VAL A 127 -11.49 13.85 21.29
CA VAL A 127 -10.59 13.92 22.44
C VAL A 127 -9.39 14.82 22.22
N TRP A 128 -8.91 14.95 21.00
CA TRP A 128 -7.90 15.96 20.67
C TRP A 128 -8.43 17.36 20.84
N LYS A 129 -9.68 17.59 20.44
CA LYS A 129 -10.29 18.92 20.61
C LYS A 129 -10.38 19.29 22.09
N LYS A 130 -10.93 18.40 22.90
CA LYS A 130 -10.99 18.62 24.36
C LYS A 130 -9.59 18.91 24.90
N HIS A 131 -8.61 18.13 24.45
CA HIS A 131 -7.24 18.27 24.93
C HIS A 131 -6.69 19.65 24.63
N PHE A 132 -7.02 20.22 23.48
CA PHE A 132 -6.60 21.60 23.17
C PHE A 132 -7.48 22.63 23.89
N GLU A 133 -8.61 22.20 24.44
CA GLU A 133 -9.38 23.03 25.38
C GLU A 133 -8.61 23.14 26.68
N ALA A 134 -8.37 22.00 27.32
CA ALA A 134 -7.65 21.95 28.60
C ALA A 134 -6.39 22.79 28.58
N ARG A 135 -5.66 22.77 27.47
CA ARG A 135 -4.42 23.56 27.33
C ARG A 135 -4.67 25.06 27.40
N LYS A 136 -5.66 25.53 26.66
CA LYS A 136 -5.92 26.98 26.49
C LYS A 136 -6.03 27.81 27.78
N GLU A 137 -6.49 27.19 28.87
CA GLU A 137 -6.66 27.91 30.16
C GLU A 137 -5.78 27.39 31.30
N GLU A 138 -5.25 26.18 31.16
CA GLU A 138 -4.07 25.74 31.93
C GLU A 138 -2.91 26.67 31.54
N LYS A 139 -2.06 27.01 32.49
CA LYS A 139 -0.94 27.91 32.23
C LYS A 139 0.40 27.22 32.50
N THR A 140 1.48 27.91 32.13
CA THR A 140 2.78 27.30 31.85
C THR A 140 2.67 26.41 30.62
N PRO A 141 3.02 26.96 29.43
CA PRO A 141 3.02 26.14 28.23
C PRO A 141 3.89 24.89 28.37
N ASN A 142 3.39 23.76 27.87
CA ASN A 142 4.21 22.57 27.67
C ASN A 142 4.48 22.37 26.17
N ILE A 143 5.51 23.07 25.69
CA ILE A 143 5.81 23.14 24.26
C ILE A 143 6.28 21.80 23.69
N THR A 144 7.05 21.06 24.49
CA THR A 144 7.57 19.75 24.09
C THR A 144 6.44 18.83 23.58
N LYS A 145 5.32 18.79 24.30
CA LYS A 145 4.18 17.96 23.91
C LYS A 145 3.40 18.57 22.75
N LEU A 146 3.15 19.88 22.79
CA LEU A 146 2.49 20.56 21.67
C LEU A 146 3.26 20.39 20.35
N ARG A 147 4.59 20.34 20.43
CA ARG A 147 5.39 20.11 19.22
C ARG A 147 5.01 18.79 18.58
N THR A 148 5.13 17.71 19.36
CA THR A 148 4.79 16.38 18.86
C THR A 148 3.32 16.30 18.50
N ASP A 149 2.46 16.83 19.35
CA ASP A 149 1.02 16.81 19.10
C ASP A 149 0.70 17.35 17.72
N LEU A 150 1.28 18.51 17.40
CA LEU A 150 1.00 19.14 16.12
C LEU A 150 1.45 18.24 14.98
N ARG A 151 2.63 17.66 15.09
CA ARG A 151 3.09 16.73 14.07
C ARG A 151 2.16 15.53 13.99
N PHE A 152 1.75 15.04 15.17
CA PHE A 152 0.91 13.85 15.27
C PHE A 152 -0.43 14.11 14.55
N ILE A 153 -1.16 15.16 14.93
CA ILE A 153 -2.45 15.43 14.27
C ILE A 153 -2.28 15.72 12.78
N ALA A 154 -1.13 16.30 12.41
CA ALA A 154 -0.74 16.45 11.00
C ALA A 154 -0.69 15.10 10.27
N GLU A 155 0.09 14.14 10.78
CA GLU A 155 0.14 12.82 10.14
C GLU A 155 -1.23 12.18 10.07
N LEU A 156 -1.95 12.21 11.19
CA LEU A 156 -3.27 11.59 11.25
C LEU A 156 -4.21 12.13 10.17
N THR A 157 -4.02 13.39 9.79
CA THR A 157 -4.77 13.95 8.68
C THR A 157 -4.19 13.42 7.36
N ILE A 158 -2.89 13.57 7.16
CA ILE A 158 -2.26 13.16 5.91
C ILE A 158 -2.56 11.71 5.58
N VAL A 159 -2.56 10.89 6.62
CA VAL A 159 -2.77 9.45 6.51
C VAL A 159 -4.25 9.08 6.42
N GLY A 160 -5.14 10.08 6.43
CA GLY A 160 -6.56 9.85 6.15
C GLY A 160 -7.42 9.28 7.28
N ILE A 161 -6.87 9.21 8.48
CA ILE A 161 -7.65 8.82 9.66
C ILE A 161 -8.66 9.92 9.96
N PHE A 162 -8.20 11.17 9.94
CA PHE A 162 -9.08 12.34 9.86
C PHE A 162 -9.31 12.77 8.41
N THR A 163 -10.51 13.24 8.12
CA THR A 163 -10.82 13.76 6.79
C THR A 163 -10.12 15.08 6.64
N ASP A 164 -10.02 15.57 5.41
CA ASP A 164 -9.37 16.85 5.18
C ASP A 164 -10.01 17.94 6.03
N LYS A 165 -11.34 18.06 5.97
CA LYS A 165 -12.08 19.06 6.75
C LYS A 165 -11.68 19.00 8.22
N GLU A 166 -11.96 17.87 8.85
CA GLU A 166 -11.73 17.68 10.28
C GLU A 166 -10.30 18.01 10.67
N GLY A 167 -9.35 17.32 10.04
CA GLY A 167 -7.93 17.43 10.38
C GLY A 167 -7.27 18.74 10.00
N LEU A 168 -7.52 19.21 8.78
CA LEU A 168 -6.92 20.49 8.34
C LEU A 168 -7.42 21.61 9.25
N SER A 169 -8.73 21.63 9.45
CA SER A 169 -9.37 22.59 10.33
C SER A 169 -8.75 22.57 11.72
N LEU A 170 -8.58 21.38 12.28
CA LEU A 170 -7.97 21.26 13.59
C LEU A 170 -6.52 21.79 13.64
N ILE A 171 -5.73 21.49 12.61
CA ILE A 171 -4.35 21.98 12.54
C ILE A 171 -4.32 23.51 12.36
N TYR A 172 -5.15 24.01 11.46
CA TYR A 172 -5.23 25.46 11.24
C TYR A 172 -5.50 26.18 12.55
N GLU A 173 -6.48 25.68 13.30
CA GLU A 173 -6.82 26.22 14.61
C GLU A 173 -5.60 26.35 15.52
N GLN A 174 -4.83 25.28 15.66
CA GLN A 174 -3.72 25.29 16.61
C GLN A 174 -2.58 26.15 16.11
N LEU A 175 -2.42 26.24 14.79
CA LEU A 175 -1.39 27.11 14.21
C LEU A 175 -1.70 28.59 14.45
N LYS A 176 -2.96 28.96 14.22
CA LYS A 176 -3.43 30.32 14.53
C LYS A 176 -2.97 30.77 15.92
N ASN A 177 -3.10 29.89 16.91
CA ASN A 177 -2.75 30.23 18.28
C ASN A 177 -1.25 30.53 18.43
N ILE A 178 -0.44 29.71 17.78
CA ILE A 178 1.00 29.92 17.77
C ILE A 178 1.36 31.27 17.13
N ILE A 179 0.76 31.56 15.97
CA ILE A 179 0.96 32.86 15.31
C ILE A 179 0.60 34.02 16.24
N ASN A 180 -0.54 33.90 16.91
CA ASN A 180 -1.00 34.93 17.83
C ASN A 180 -0.22 34.94 19.14
N ALA A 181 0.16 33.76 19.62
CA ALA A 181 1.01 33.64 20.80
C ALA A 181 2.39 34.27 20.57
N ASP A 182 2.93 34.10 19.35
CA ASP A 182 4.32 34.48 19.07
C ASP A 182 4.44 35.67 18.12
N ARG A 183 4.25 36.87 18.65
CA ARG A 183 4.44 38.11 17.90
C ARG A 183 5.61 38.94 18.41
N GLU A 184 5.83 38.92 19.73
CA GLU A 184 7.01 39.53 20.34
C GLU A 184 7.94 38.41 20.81
N SER A 185 7.47 37.63 21.76
CA SER A 185 8.21 36.45 22.23
C SER A 185 7.95 35.32 21.24
N HIS A 186 9.01 34.85 20.59
CA HIS A 186 8.88 33.74 19.67
C HIS A 186 9.29 32.47 20.34
N THR A 187 8.38 31.97 21.17
CA THR A 187 8.64 30.83 22.05
C THR A 187 8.29 29.48 21.40
N HIS A 188 7.43 29.51 20.39
CA HIS A 188 7.01 28.28 19.71
C HIS A 188 7.77 28.03 18.42
N VAL A 189 8.92 28.69 18.23
CA VAL A 189 9.62 28.62 16.93
C VAL A 189 9.95 27.18 16.55
N SER A 190 10.55 26.45 17.49
CA SER A 190 10.92 25.06 17.27
C SER A 190 9.70 24.17 16.97
N VAL A 191 8.54 24.55 17.50
CA VAL A 191 7.29 23.85 17.19
C VAL A 191 6.88 24.06 15.72
N VAL A 192 7.06 25.28 15.21
CA VAL A 192 6.72 25.60 13.82
C VAL A 192 7.72 24.98 12.86
N ILE A 193 8.99 24.95 13.26
CA ILE A 193 10.03 24.36 12.43
C ILE A 193 9.83 22.86 12.30
N SER A 194 9.62 22.19 13.43
CA SER A 194 9.36 20.75 13.44
C SER A 194 8.17 20.43 12.54
N PHE A 195 7.06 21.13 12.75
CA PHE A 195 5.88 20.95 11.91
C PHE A 195 6.21 21.10 10.43
N CYS A 196 6.97 22.13 10.10
CA CYS A 196 7.36 22.39 8.72
C CYS A 196 8.24 21.25 8.23
N ARG A 197 9.32 21.00 8.97
CA ARG A 197 10.24 19.90 8.65
C ARG A 197 9.50 18.61 8.29
N HIS A 198 8.56 18.19 9.12
CA HIS A 198 7.93 16.88 8.99
C HIS A 198 6.76 16.84 8.06
N CYS A 199 5.89 17.86 8.11
CA CYS A 199 4.59 17.81 7.42
C CYS A 199 4.32 18.95 6.44
N GLY A 200 5.20 19.96 6.41
CA GLY A 200 5.01 21.13 5.56
C GLY A 200 4.92 20.83 4.08
N ASP A 201 5.54 19.75 3.64
CA ASP A 201 5.45 19.37 2.23
C ASP A 201 4.00 19.14 1.85
N ASP A 202 3.32 18.27 2.58
CA ASP A 202 1.95 17.89 2.26
C ASP A 202 0.88 18.84 2.79
N ILE A 203 1.07 19.40 3.98
CA ILE A 203 0.05 20.27 4.55
C ILE A 203 0.15 21.72 4.08
N ALA A 204 1.35 22.26 3.99
CA ALA A 204 1.55 23.66 3.60
C ALA A 204 2.00 23.84 2.14
N GLY A 205 2.23 22.74 1.43
CA GLY A 205 2.81 22.81 0.09
C GLY A 205 4.27 23.25 0.05
N LEU A 206 4.99 23.10 1.16
CA LEU A 206 6.37 23.57 1.21
C LEU A 206 7.26 22.82 0.24
N VAL A 207 8.17 23.56 -0.40
CA VAL A 207 9.27 22.97 -1.13
C VAL A 207 10.52 23.77 -0.73
N PRO A 208 11.24 23.31 0.30
CA PRO A 208 12.38 24.05 0.84
C PRO A 208 13.52 24.31 -0.14
N ARG A 209 14.33 25.32 0.17
CA ARG A 209 15.48 25.68 -0.65
C ARG A 209 16.48 24.53 -0.79
N LYS A 210 16.75 23.81 0.29
CA LYS A 210 17.64 22.64 0.22
C LYS A 210 17.17 21.63 -0.83
N VAL A 211 15.88 21.33 -0.82
CA VAL A 211 15.32 20.35 -1.75
C VAL A 211 15.44 20.88 -3.18
N LYS A 212 15.08 22.15 -3.37
CA LYS A 212 15.18 22.76 -4.69
C LYS A 212 16.62 22.69 -5.17
N SER A 213 17.52 23.13 -4.30
CA SER A 213 18.94 23.12 -4.61
C SER A 213 19.48 21.72 -4.90
N ALA A 214 19.08 20.75 -4.11
CA ALA A 214 19.56 19.38 -4.31
C ALA A 214 19.04 18.86 -5.64
N ALA A 215 17.81 19.20 -5.97
CA ALA A 215 17.17 18.67 -7.19
C ALA A 215 17.89 19.15 -8.43
N GLU A 216 18.15 20.45 -8.50
CA GLU A 216 18.80 21.05 -9.65
C GLU A 216 20.26 20.60 -9.76
N LYS A 217 20.98 20.65 -8.65
CA LYS A 217 22.42 20.37 -8.64
C LYS A 217 22.75 18.92 -8.95
N PHE A 218 21.92 17.99 -8.48
CA PHE A 218 22.23 16.56 -8.58
C PHE A 218 21.23 15.77 -9.44
N ASN A 219 20.31 16.49 -10.08
CA ASN A 219 19.32 15.91 -10.98
C ASN A 219 18.55 14.76 -10.32
N LEU A 220 18.16 15.02 -9.08
CA LEU A 220 17.30 14.14 -8.33
C LEU A 220 15.87 14.65 -8.41
N SER A 221 14.95 13.75 -8.69
CA SER A 221 13.53 14.07 -8.77
C SER A 221 12.82 13.77 -7.45
N PHE A 222 12.37 14.80 -6.77
CA PHE A 222 11.71 14.67 -5.45
C PHE A 222 10.21 14.38 -5.56
N PRO A 223 9.61 13.80 -4.49
CA PRO A 223 8.24 13.32 -4.58
C PRO A 223 7.25 14.45 -4.88
N PRO A 224 6.20 14.15 -5.63
CA PRO A 224 5.22 15.19 -5.91
C PRO A 224 4.27 15.41 -4.72
N SER A 225 3.73 16.62 -4.60
CA SER A 225 2.65 16.89 -3.64
C SER A 225 1.34 16.45 -4.27
N GLU A 226 0.74 15.39 -3.74
CA GLU A 226 -0.49 14.82 -4.30
C GLU A 226 -1.56 14.48 -3.25
N ILE A 227 -1.37 14.91 -2.01
CA ILE A 227 -2.25 14.46 -0.93
C ILE A 227 -3.26 15.56 -0.62
N ILE A 228 -2.78 16.70 -0.14
CA ILE A 228 -3.62 17.86 0.10
C ILE A 228 -3.53 18.80 -1.10
N SER A 229 -4.68 19.16 -1.65
CA SER A 229 -4.75 20.02 -2.82
C SER A 229 -4.15 21.40 -2.56
N PRO A 230 -3.62 22.04 -3.61
CA PRO A 230 -2.99 23.37 -3.44
C PRO A 230 -3.89 24.42 -2.79
N GLU A 231 -5.20 24.35 -3.01
CA GLU A 231 -6.17 25.30 -2.40
C GLU A 231 -6.21 25.13 -0.88
N LYS A 232 -6.27 23.88 -0.43
CA LYS A 232 -6.27 23.57 1.00
C LYS A 232 -4.93 23.87 1.67
N GLN A 233 -3.86 23.85 0.89
CA GLN A 233 -2.52 24.12 1.41
C GLN A 233 -2.28 25.62 1.62
N GLN A 234 -2.84 26.44 0.73
CA GLN A 234 -2.60 27.89 0.73
C GLN A 234 -2.75 28.57 2.09
N PRO A 235 -3.90 28.39 2.77
CA PRO A 235 -4.03 29.01 4.10
C PRO A 235 -2.86 28.69 5.02
N PHE A 236 -2.42 27.44 5.02
CA PHE A 236 -1.29 27.03 5.85
C PHE A 236 -0.02 27.75 5.46
N GLN A 237 0.22 27.91 4.15
CA GLN A 237 1.40 28.62 3.69
C GLN A 237 1.35 30.09 4.12
N ASN A 238 0.19 30.71 3.96
CA ASN A 238 0.00 32.10 4.43
C ASN A 238 0.38 32.29 5.91
N LEU A 239 -0.14 31.42 6.77
CA LEU A 239 0.17 31.49 8.21
C LEU A 239 1.68 31.41 8.45
N LEU A 240 2.33 30.45 7.78
CA LEU A 240 3.76 30.25 7.97
C LEU A 240 4.59 31.46 7.55
N LYS A 241 4.23 32.09 6.43
CA LYS A 241 4.94 33.29 5.96
C LYS A 241 4.73 34.47 6.90
N GLU A 242 3.48 34.61 7.32
CA GLU A 242 3.10 35.63 8.28
C GLU A 242 3.84 35.44 9.61
N TYR A 243 3.96 34.20 10.06
CA TYR A 243 4.78 33.88 11.23
C TYR A 243 6.22 34.25 10.93
N PHE A 244 6.70 33.82 9.77
CA PHE A 244 8.08 34.08 9.37
C PHE A 244 8.37 35.57 9.33
N THR A 245 7.41 36.33 8.79
CA THR A 245 7.48 37.79 8.81
C THR A 245 7.66 38.32 10.24
N SER A 246 6.73 37.93 11.12
CA SER A 246 6.81 38.27 12.52
C SER A 246 8.17 37.91 13.11
N LEU A 247 8.68 36.72 12.79
CA LEU A 247 9.96 36.26 13.34
C LEU A 247 11.13 37.09 12.84
N THR A 248 11.02 37.63 11.64
CA THR A 248 12.10 38.41 11.04
C THR A 248 12.10 39.83 11.60
N LYS A 249 10.92 40.37 11.91
CA LYS A 249 10.83 41.57 12.75
C LYS A 249 11.61 41.39 14.05
N HIS A 250 11.29 40.32 14.78
CA HIS A 250 11.94 40.02 16.06
C HIS A 250 13.42 39.78 15.91
N LEU A 251 13.88 39.39 14.72
CA LEU A 251 15.31 39.24 14.46
C LEU A 251 16.00 40.59 14.24
N LYS A 252 15.33 41.49 13.52
CA LYS A 252 15.87 42.83 13.27
C LYS A 252 15.96 43.62 14.57
N ARG A 253 14.83 43.77 15.25
CA ARG A 253 14.81 44.41 16.57
C ARG A 253 16.01 43.99 17.39
N ASP A 254 16.15 42.68 17.62
CA ASP A 254 17.22 42.15 18.44
C ASP A 254 18.63 42.35 17.84
N HIS A 255 18.72 42.60 16.54
CA HIS A 255 20.00 42.98 15.94
C HIS A 255 20.38 44.38 16.35
N ARG A 256 19.48 45.33 16.11
CA ARG A 256 19.67 46.72 16.54
C ARG A 256 20.04 46.82 18.02
N GLU A 257 19.19 46.27 18.88
CA GLU A 257 19.37 46.38 20.33
C GLU A 257 20.49 45.51 20.89
N LEU A 258 21.10 44.68 20.03
CA LEU A 258 22.36 44.02 20.37
C LEU A 258 23.52 44.96 20.06
N GLN A 259 23.44 45.63 18.92
CA GLN A 259 24.52 46.52 18.46
C GLN A 259 24.37 47.98 18.94
N ASN A 260 23.18 48.34 19.43
CA ASN A 260 23.00 49.58 20.20
C ASN A 260 23.45 49.39 21.65
N THR A 261 23.70 48.15 22.05
CA THR A 261 24.29 47.83 23.35
C THR A 261 25.75 47.37 23.23
N GLU A 262 26.23 47.14 22.02
CA GLU A 262 27.67 46.98 21.77
C GLU A 262 28.28 48.36 21.60
N ARG A 263 27.63 49.20 20.79
CA ARG A 263 28.06 50.59 20.57
C ARG A 263 27.67 51.52 21.71
N GLN A 264 27.15 50.96 22.81
CA GLN A 264 27.00 51.68 24.09
C GLN A 264 28.08 51.28 25.07
N ASN A 265 28.50 50.01 25.01
CA ASN A 265 29.66 49.54 25.78
C ASN A 265 30.98 50.16 25.33
N ARG A 266 30.98 50.85 24.19
CA ARG A 266 32.15 51.60 23.73
C ARG A 266 32.27 52.95 24.46
N ARG A 267 31.14 53.55 24.82
CA ARG A 267 31.13 54.73 25.69
C ARG A 267 31.50 54.36 27.11
N ILE A 268 30.98 53.24 27.59
CA ILE A 268 31.25 52.75 28.95
C ILE A 268 32.57 51.95 29.02
N LEU A 269 33.24 51.79 27.88
CA LEU A 269 34.64 51.32 27.84
C LEU A 269 35.57 52.50 28.07
N HIS A 270 35.42 53.54 27.23
CA HIS A 270 36.18 54.79 27.36
C HIS A 270 35.93 55.43 28.69
N SER A 271 34.69 55.87 28.92
CA SER A 271 34.32 56.56 30.15
C SER A 271 34.29 55.57 31.33
N LYS A 272 35.13 55.85 32.33
CA LYS A 272 35.27 55.03 33.53
C LYS A 272 35.72 53.57 33.27
N GLY A 273 36.60 53.40 32.28
CA GLY A 273 37.37 52.16 32.07
C GLY A 273 36.74 50.81 32.37
N GLU A 274 36.11 50.21 31.36
CA GLU A 274 35.70 48.79 31.38
C GLU A 274 34.79 48.35 32.57
N LEU A 275 35.39 47.68 33.55
CA LEU A 275 34.67 46.92 34.59
C LEU A 275 33.73 45.86 34.01
N SER A 276 34.27 44.65 33.79
CA SER A 276 33.47 43.50 33.31
C SER A 276 32.59 43.00 34.45
N GLU A 277 31.51 43.73 34.69
CA GLU A 277 30.67 43.56 35.87
C GLU A 277 29.61 42.48 35.61
N ASP A 278 28.34 42.80 35.83
CA ASP A 278 27.24 41.90 35.45
C ASP A 278 26.85 42.07 33.98
N ARG A 279 27.25 43.20 33.37
CA ARG A 279 27.07 43.43 31.93
C ARG A 279 27.90 42.48 31.06
N HIS A 280 28.99 41.94 31.62
CA HIS A 280 29.78 40.93 30.92
C HIS A 280 29.27 39.52 31.11
N LYS A 281 28.12 39.38 31.77
CA LYS A 281 27.33 38.15 31.75
C LYS A 281 25.88 38.41 31.30
N GLN A 282 25.58 39.65 30.90
CA GLN A 282 24.29 40.02 30.34
C GLN A 282 24.34 40.02 28.82
N TYR A 283 25.47 40.47 28.27
CA TYR A 283 25.76 40.33 26.84
C TYR A 283 25.90 38.86 26.47
N GLU A 284 26.48 38.08 27.38
CA GLU A 284 26.58 36.63 27.20
C GLU A 284 25.23 35.89 27.25
N GLU A 285 24.15 36.62 27.52
CA GLU A 285 22.80 36.06 27.45
C GLU A 285 21.95 36.70 26.34
N PHE A 286 22.17 37.98 26.07
CA PHE A 286 21.55 38.63 24.91
C PHE A 286 22.05 38.03 23.58
N ALA A 287 23.36 37.80 23.50
CA ALA A 287 23.98 37.22 22.29
C ALA A 287 23.92 35.69 22.23
N MSE A 288 23.44 35.05 23.30
CA MSE A 288 23.19 33.61 23.28
C MSE A 288 21.91 33.34 22.57
O MSE A 288 21.87 32.54 21.63
CB MSE A 288 23.08 33.08 24.71
CG MSE A 288 22.78 31.57 24.77
SE MSE A 288 24.46 30.57 24.72
CE MSE A 288 24.13 29.34 23.20
N SER A 289 20.84 34.01 23.00
CA SER A 289 19.50 33.79 22.44
C SER A 289 19.35 34.40 21.05
N TYR A 290 20.11 35.46 20.77
CA TYR A 290 20.16 36.02 19.41
C TYR A 290 20.71 34.94 18.47
N GLN A 291 21.83 34.34 18.85
CA GLN A 291 22.45 33.30 18.02
C GLN A 291 21.49 32.15 17.72
N LYS A 292 20.66 31.80 18.69
CA LYS A 292 19.65 30.75 18.51
C LYS A 292 18.47 31.24 17.67
N LEU A 293 18.09 32.50 17.83
CA LEU A 293 17.01 33.11 17.02
C LEU A 293 17.45 33.26 15.56
N LEU A 294 18.73 33.61 15.35
CA LEU A 294 19.31 33.66 14.01
C LEU A 294 19.32 32.27 13.38
N ALA A 295 19.70 31.25 14.15
CA ALA A 295 19.75 29.87 13.67
C ALA A 295 18.37 29.38 13.23
N ASN A 296 17.37 29.59 14.08
CA ASN A 296 15.99 29.23 13.77
C ASN A 296 15.39 30.01 12.61
N SER A 297 15.79 31.27 12.47
CA SER A 297 15.30 32.11 11.38
C SER A 297 15.83 31.62 10.03
N GLN A 298 17.11 31.25 10.00
CA GLN A 298 17.74 30.68 8.82
C GLN A 298 17.10 29.35 8.49
N SER A 299 16.90 28.54 9.53
CA SER A 299 16.32 27.23 9.39
C SER A 299 14.94 27.28 8.73
N LEU A 300 14.13 28.27 9.11
CA LEU A 300 12.74 28.38 8.64
C LEU A 300 12.63 29.13 7.31
N ALA A 301 13.56 30.04 7.06
CA ALA A 301 13.63 30.74 5.77
C ALA A 301 13.84 29.73 4.65
N ASP A 302 14.69 28.75 4.94
CA ASP A 302 14.96 27.69 3.99
C ASP A 302 13.70 26.88 3.70
N LEU A 303 13.10 26.34 4.75
CA LEU A 303 11.88 25.54 4.63
C LEU A 303 10.82 26.31 3.83
N LEU A 304 10.69 27.60 4.10
CA LEU A 304 9.73 28.42 3.36
C LEU A 304 10.31 29.03 2.07
N ASP A 305 11.59 28.74 1.76
CA ASP A 305 12.28 29.26 0.57
C ASP A 305 12.33 30.80 0.50
N GLU A 306 12.39 31.44 1.67
CA GLU A 306 12.48 32.89 1.77
C GLU A 306 13.92 33.32 1.98
N ASN A 307 14.26 34.52 1.52
CA ASN A 307 15.57 35.11 1.80
C ASN A 307 15.60 35.66 3.21
N MSE A 308 16.78 35.73 3.80
CA MSE A 308 16.96 36.38 5.09
C MSE A 308 17.08 37.87 4.88
O MSE A 308 17.70 38.29 3.91
CB MSE A 308 18.25 35.91 5.75
CG MSE A 308 18.13 35.91 7.28
SE MSE A 308 17.17 34.29 7.85
CE MSE A 308 18.34 33.11 6.81
N PRO A 309 16.50 38.67 5.78
CA PRO A 309 16.80 40.10 5.70
C PRO A 309 18.27 40.34 5.98
N ASP A 310 18.78 41.48 5.52
CA ASP A 310 20.22 41.74 5.59
C ASP A 310 20.60 42.39 6.93
N LEU A 311 21.68 41.91 7.53
CA LEU A 311 22.08 42.31 8.88
C LEU A 311 23.46 42.99 8.82
N PRO A 312 23.50 44.35 8.78
CA PRO A 312 24.70 45.15 8.52
C PRO A 312 26.04 44.53 8.96
N MSE B 5 15.76 -30.96 7.21
CA MSE B 5 14.43 -31.31 6.67
C MSE B 5 14.10 -30.42 5.49
O MSE B 5 14.11 -29.20 5.61
CB MSE B 5 13.36 -31.12 7.74
CG MSE B 5 12.82 -32.44 8.31
SE MSE B 5 10.85 -32.35 8.51
CE MSE B 5 10.74 -32.51 10.48
N LYS B 6 13.79 -31.04 4.35
CA LYS B 6 13.39 -30.30 3.14
C LYS B 6 11.90 -29.96 3.15
N GLU B 7 11.10 -30.75 3.86
CA GLU B 7 9.66 -30.50 3.95
C GLU B 7 9.36 -29.20 4.68
N LYS B 8 10.10 -28.92 5.74
CA LYS B 8 9.88 -27.70 6.49
C LYS B 8 10.16 -26.49 5.61
N GLU B 9 11.35 -26.42 5.05
CA GLU B 9 11.73 -25.25 4.24
C GLU B 9 10.86 -25.07 3.00
N GLU B 10 10.33 -26.16 2.47
CA GLU B 10 9.32 -26.06 1.42
C GLU B 10 8.06 -25.34 1.94
N SER B 11 7.57 -25.76 3.11
CA SER B 11 6.40 -25.16 3.73
C SER B 11 6.62 -23.70 4.11
N ILE B 12 7.81 -23.38 4.59
CA ILE B 12 8.19 -21.99 4.84
C ILE B 12 8.12 -21.15 3.57
N GLN B 13 8.54 -21.73 2.45
CA GLN B 13 8.49 -21.04 1.17
C GLN B 13 7.06 -20.78 0.68
N LEU B 14 6.21 -21.80 0.79
CA LEU B 14 4.80 -21.68 0.48
C LEU B 14 4.20 -20.54 1.31
N HIS B 15 4.49 -20.59 2.61
CA HIS B 15 4.02 -19.63 3.61
C HIS B 15 4.47 -18.22 3.32
N GLN B 16 5.74 -18.04 2.99
CA GLN B 16 6.29 -16.72 2.67
C GLN B 16 5.64 -16.13 1.44
N GLU B 17 5.55 -16.94 0.40
CA GLU B 17 4.93 -16.52 -0.84
C GLU B 17 3.50 -16.12 -0.57
N ALA B 18 2.79 -16.96 0.18
CA ALA B 18 1.39 -16.70 0.51
C ALA B 18 1.22 -15.30 1.10
N TRP B 19 2.10 -14.89 2.00
CA TRP B 19 2.00 -13.57 2.58
C TRP B 19 2.32 -12.48 1.61
N GLU B 20 3.31 -12.70 0.76
CA GLU B 20 3.68 -11.69 -0.21
C GLU B 20 2.51 -11.42 -1.15
N ARG B 21 1.96 -12.50 -1.71
CA ARG B 21 0.80 -12.42 -2.57
C ARG B 21 -0.41 -11.73 -1.89
N HIS B 22 -0.58 -11.96 -0.59
CA HIS B 22 -1.70 -11.41 0.16
C HIS B 22 -1.56 -9.93 0.41
N HIS B 23 -0.37 -9.49 0.76
CA HIS B 23 -0.14 -8.08 1.07
C HIS B 23 -0.19 -7.25 -0.18
N LEU B 24 0.44 -7.75 -1.25
CA LEU B 24 0.42 -7.07 -2.52
C LEU B 24 -1.03 -6.81 -2.97
N ARG B 25 -1.87 -7.85 -2.99
CA ARG B 25 -3.25 -7.70 -3.42
C ARG B 25 -4.01 -6.71 -2.55
N LYS B 26 -3.98 -6.94 -1.24
CA LYS B 26 -4.65 -6.08 -0.27
C LYS B 26 -4.32 -4.58 -0.51
N GLU B 27 -3.04 -4.31 -0.75
CA GLU B 27 -2.56 -2.96 -0.99
C GLU B 27 -3.06 -2.41 -2.32
N LEU B 28 -3.06 -3.25 -3.35
CA LEU B 28 -3.50 -2.85 -4.68
C LEU B 28 -5.01 -2.63 -4.73
N ARG B 29 -5.77 -3.55 -4.16
CA ARG B 29 -7.22 -3.41 -4.09
C ARG B 29 -7.56 -2.04 -3.47
N SER B 30 -6.82 -1.68 -2.45
CA SER B 30 -7.03 -0.43 -1.75
C SER B 30 -6.79 0.78 -2.66
N LYS B 31 -5.69 0.75 -3.42
CA LYS B 31 -5.36 1.86 -4.31
C LYS B 31 -6.33 1.94 -5.48
N ASN B 32 -6.66 0.80 -6.05
CA ASN B 32 -7.54 0.78 -7.19
C ASN B 32 -8.97 1.14 -6.83
N GLN B 33 -9.46 0.67 -5.69
CA GLN B 33 -10.80 1.06 -5.22
C GLN B 33 -10.88 2.54 -4.83
N ASN B 34 -9.83 3.07 -4.24
CA ASN B 34 -9.80 4.46 -3.79
C ASN B 34 -9.48 5.46 -4.92
N ALA B 35 -9.24 4.95 -6.13
CA ALA B 35 -8.72 5.73 -7.25
C ALA B 35 -9.59 6.91 -7.71
N PRO B 36 -10.91 6.68 -7.93
CA PRO B 36 -11.75 7.73 -8.52
C PRO B 36 -11.60 9.12 -7.90
N ASP B 37 -11.59 9.19 -6.57
CA ASP B 37 -11.53 10.48 -5.90
C ASP B 37 -10.12 11.08 -5.86
N SER B 38 -9.23 10.59 -6.70
CA SER B 38 -7.90 11.22 -6.82
C SER B 38 -7.24 11.10 -8.19
N ARG B 39 -8.00 10.86 -9.24
CA ARG B 39 -7.43 10.94 -10.58
C ARG B 39 -7.06 12.39 -10.83
N PRO B 40 -5.96 12.65 -11.54
CA PRO B 40 -5.51 14.02 -11.72
C PRO B 40 -6.37 14.78 -12.72
N GLU B 41 -6.23 16.10 -12.72
CA GLU B 41 -7.07 16.96 -13.55
C GLU B 41 -6.33 17.40 -14.80
N GLU B 42 -7.07 17.99 -15.74
CA GLU B 42 -6.56 18.27 -17.08
C GLU B 42 -5.22 19.01 -17.10
N ASN B 43 -5.03 19.95 -16.18
CA ASN B 43 -3.77 20.70 -16.07
C ASN B 43 -2.54 19.79 -15.88
N PHE B 44 -2.71 18.69 -15.13
CA PHE B 44 -1.65 17.71 -14.92
C PHE B 44 -1.27 17.06 -16.24
N PHE B 45 -2.27 16.74 -17.06
CA PHE B 45 -2.03 16.08 -18.33
C PHE B 45 -1.30 16.96 -19.35
N SER B 46 -1.35 18.28 -19.17
CA SER B 46 -0.61 19.21 -20.02
C SER B 46 0.89 18.96 -19.97
N ARG B 47 1.36 18.49 -18.81
CA ARG B 47 2.79 18.33 -18.56
C ARG B 47 3.38 17.04 -19.16
N LEU B 48 2.50 16.10 -19.55
CA LEU B 48 2.89 14.84 -20.19
C LEU B 48 2.67 15.02 -21.68
N ASP B 49 3.38 14.25 -22.53
CA ASP B 49 3.27 14.51 -23.97
C ASP B 49 2.44 13.50 -24.74
N SER B 50 1.84 14.01 -25.82
CA SER B 50 0.89 13.26 -26.63
C SER B 50 1.48 12.96 -27.99
N SER B 51 2.80 13.07 -28.11
CA SER B 51 3.47 12.84 -29.38
C SER B 51 3.09 11.46 -29.89
N ILE B 52 2.37 11.43 -30.99
CA ILE B 52 1.80 10.21 -31.54
C ILE B 52 2.88 9.13 -31.72
N LYS B 53 4.13 9.54 -31.94
CA LYS B 53 5.23 8.58 -31.96
C LYS B 53 5.32 7.85 -30.64
N LYS B 54 5.52 8.62 -29.57
CA LYS B 54 5.84 8.04 -28.27
C LYS B 54 4.68 7.24 -27.67
N ASN B 55 3.47 7.72 -27.85
CA ASN B 55 2.31 6.96 -27.39
C ASN B 55 2.04 5.69 -28.21
N THR B 56 2.18 5.78 -29.53
CA THR B 56 2.07 4.61 -30.39
C THR B 56 3.17 3.60 -30.06
N ALA B 57 4.38 4.08 -29.82
CA ALA B 57 5.49 3.18 -29.46
C ALA B 57 5.18 2.44 -28.16
N PHE B 58 4.63 3.16 -27.19
CA PHE B 58 4.25 2.57 -25.93
C PHE B 58 3.14 1.56 -26.09
N VAL B 59 2.10 1.92 -26.83
CA VAL B 59 0.97 1.02 -27.05
C VAL B 59 1.45 -0.27 -27.73
N LYS B 60 2.43 -0.15 -28.60
CA LYS B 60 3.03 -1.31 -29.24
C LYS B 60 3.73 -2.20 -28.24
N LYS B 61 4.49 -1.59 -27.34
CA LYS B 61 5.23 -2.34 -26.35
C LYS B 61 4.32 -3.11 -25.41
N LEU B 62 3.11 -2.60 -25.18
CA LEU B 62 2.16 -3.28 -24.31
C LEU B 62 1.71 -4.63 -24.86
N LYS B 63 1.92 -4.87 -26.15
CA LYS B 63 1.57 -6.17 -26.73
C LYS B 63 2.50 -7.28 -26.26
N THR B 64 3.63 -6.94 -25.67
CA THR B 64 4.60 -7.95 -25.25
C THR B 64 5.13 -7.67 -23.85
N ILE B 65 4.21 -7.32 -22.95
CA ILE B 65 4.53 -7.08 -21.55
C ILE B 65 5.29 -8.26 -20.93
N THR B 66 6.20 -7.93 -20.03
CA THR B 66 7.18 -8.89 -19.56
C THR B 66 7.64 -8.47 -18.16
N GLU B 67 7.85 -9.42 -17.26
CA GLU B 67 8.22 -9.06 -15.89
C GLU B 67 9.43 -8.15 -15.84
N GLN B 68 10.42 -8.41 -16.68
CA GLN B 68 11.65 -7.61 -16.63
C GLN B 68 11.45 -6.18 -17.16
N GLN B 69 10.25 -5.88 -17.65
CA GLN B 69 9.91 -4.50 -18.03
C GLN B 69 9.12 -3.70 -16.99
N ARG B 70 8.83 -4.27 -15.82
CA ARG B 70 7.99 -3.60 -14.83
C ARG B 70 8.37 -2.13 -14.65
N ASP B 71 9.63 -1.90 -14.33
CA ASP B 71 10.08 -0.55 -14.03
C ASP B 71 10.15 0.29 -15.28
N SER B 72 10.71 -0.28 -16.35
CA SER B 72 10.87 0.47 -17.60
C SER B 72 9.54 0.94 -18.19
N LEU B 73 8.57 0.04 -18.33
CA LEU B 73 7.24 0.42 -18.83
C LEU B 73 6.54 1.41 -17.89
N SER B 74 6.73 1.22 -16.59
CA SER B 74 6.20 2.19 -15.64
C SER B 74 6.80 3.56 -15.88
N HIS B 75 8.11 3.60 -16.11
CA HIS B 75 8.82 4.84 -16.44
C HIS B 75 8.26 5.52 -17.66
N ASP B 76 8.11 4.79 -18.74
CA ASP B 76 7.52 5.33 -19.97
C ASP B 76 6.09 5.81 -19.71
N PHE B 77 5.28 4.94 -19.10
CA PHE B 77 3.89 5.29 -18.78
C PHE B 77 3.77 6.66 -18.13
N ASN B 78 4.64 6.96 -17.17
CA ASN B 78 4.46 8.15 -16.34
C ASN B 78 4.78 9.44 -17.06
N GLY B 79 5.47 9.37 -18.19
CA GLY B 79 5.73 10.55 -19.01
C GLY B 79 4.72 10.82 -20.12
N LEU B 80 3.83 9.86 -20.38
CA LEU B 80 2.93 9.93 -21.52
C LEU B 80 1.52 10.39 -21.13
N ASN B 81 0.91 11.21 -21.99
CA ASN B 81 -0.52 11.49 -21.93
C ASN B 81 -1.22 10.50 -22.83
N LEU B 82 -1.75 9.44 -22.21
CA LEU B 82 -2.38 8.34 -22.95
C LEU B 82 -3.89 8.49 -23.05
N SER B 83 -4.42 9.68 -22.73
CA SER B 83 -5.86 9.95 -22.70
C SER B 83 -6.58 9.61 -23.98
N LYS B 84 -5.96 9.88 -25.13
CA LYS B 84 -6.58 9.56 -26.43
C LYS B 84 -6.31 8.13 -26.91
N TYR B 85 -5.52 7.37 -26.16
CA TYR B 85 -5.03 6.07 -26.64
C TYR B 85 -5.52 4.88 -25.80
N ILE B 86 -6.48 5.12 -24.91
CA ILE B 86 -6.99 4.09 -24.00
C ILE B 86 -7.46 2.82 -24.71
N ALA B 87 -8.30 2.96 -25.73
CA ALA B 87 -8.87 1.79 -26.43
C ALA B 87 -7.79 0.97 -27.13
N GLU B 88 -6.83 1.66 -27.71
CA GLU B 88 -5.72 1.00 -28.38
C GLU B 88 -4.84 0.33 -27.34
N ALA B 89 -4.57 1.04 -26.24
CA ALA B 89 -3.78 0.51 -25.14
C ALA B 89 -4.40 -0.80 -24.60
N VAL B 90 -5.69 -0.74 -24.27
CA VAL B 90 -6.44 -1.91 -23.84
C VAL B 90 -6.32 -3.10 -24.78
N ALA B 91 -6.39 -2.86 -26.09
CA ALA B 91 -6.38 -3.94 -27.07
C ALA B 91 -5.03 -4.65 -27.05
N SER B 92 -3.94 -3.88 -26.96
CA SER B 92 -2.62 -4.46 -26.83
C SER B 92 -2.54 -5.35 -25.60
N ILE B 93 -3.05 -4.89 -24.48
CA ILE B 93 -3.07 -5.66 -23.23
C ILE B 93 -3.87 -6.97 -23.31
N VAL B 94 -5.09 -6.90 -23.84
CA VAL B 94 -6.00 -8.06 -23.91
C VAL B 94 -5.43 -9.08 -24.88
N GLU B 95 -4.74 -8.60 -25.91
CA GLU B 95 -4.13 -9.46 -26.93
C GLU B 95 -2.75 -9.98 -26.54
N ALA B 96 -2.08 -9.31 -25.61
CA ALA B 96 -0.71 -9.70 -25.29
C ALA B 96 -0.58 -11.19 -24.95
N LYS B 97 0.27 -11.90 -25.69
CA LYS B 97 0.62 -13.27 -25.37
C LYS B 97 1.54 -13.24 -24.16
N LEU B 98 0.98 -13.56 -22.99
CA LEU B 98 1.66 -13.43 -21.71
C LEU B 98 2.08 -14.78 -21.20
N LYS B 99 3.28 -14.90 -20.64
CA LYS B 99 3.63 -16.06 -19.84
C LYS B 99 2.93 -15.86 -18.52
N ILE B 100 2.54 -16.94 -17.84
CA ILE B 100 1.88 -16.78 -16.53
C ILE B 100 2.72 -15.95 -15.55
N SER B 101 4.04 -16.11 -15.59
CA SER B 101 4.94 -15.31 -14.76
C SER B 101 5.02 -13.81 -15.16
N ASP B 102 4.30 -13.40 -16.21
CA ASP B 102 4.23 -11.99 -16.62
C ASP B 102 2.91 -11.33 -16.24
N VAL B 103 1.94 -12.12 -15.80
CA VAL B 103 0.62 -11.61 -15.46
C VAL B 103 0.66 -10.49 -14.43
N ASN B 104 1.44 -10.66 -13.37
CA ASN B 104 1.49 -9.63 -12.34
C ASN B 104 1.97 -8.25 -12.81
N CYS B 105 2.92 -8.24 -13.76
CA CYS B 105 3.40 -7.00 -14.29
C CYS B 105 2.31 -6.35 -15.13
N ALA B 106 1.61 -7.14 -15.93
CA ALA B 106 0.49 -6.62 -16.71
C ALA B 106 -0.53 -5.97 -15.77
N VAL B 107 -0.80 -6.61 -14.63
CA VAL B 107 -1.76 -6.09 -13.68
C VAL B 107 -1.23 -4.80 -13.07
N HIS B 108 0.07 -4.76 -12.79
CA HIS B 108 0.68 -3.55 -12.27
C HIS B 108 0.48 -2.41 -13.23
N LEU B 109 0.60 -2.70 -14.52
CA LEU B 109 0.44 -1.64 -15.51
C LEU B 109 -1.02 -1.24 -15.64
N CYS B 110 -1.90 -2.24 -15.56
CA CYS B 110 -3.33 -1.98 -15.55
C CYS B 110 -3.74 -1.11 -14.36
N SER B 111 -3.02 -1.30 -13.26
CA SER B 111 -3.29 -0.54 -12.06
C SER B 111 -2.91 0.91 -12.27
N LEU B 112 -1.74 1.15 -12.87
CA LEU B 112 -1.32 2.53 -13.14
C LEU B 112 -2.31 3.22 -14.11
N PHE B 113 -2.74 2.50 -15.14
CA PHE B 113 -3.77 3.02 -16.05
C PHE B 113 -5.06 3.36 -15.29
N HIS B 114 -5.56 2.38 -14.54
CA HIS B 114 -6.81 2.55 -13.81
C HIS B 114 -6.78 3.73 -12.92
N GLN B 115 -5.64 3.94 -12.26
CA GLN B 115 -5.49 5.01 -11.29
C GLN B 115 -5.36 6.40 -11.90
N ARG B 116 -5.18 6.46 -13.21
CA ARG B 116 -4.98 7.73 -13.89
C ARG B 116 -6.09 8.07 -14.88
N TYR B 117 -6.73 7.05 -15.45
CA TYR B 117 -7.73 7.23 -16.50
C TYR B 117 -9.01 6.50 -16.14
N ALA B 118 -10.07 7.28 -15.94
CA ALA B 118 -11.42 6.75 -15.68
C ALA B 118 -11.96 5.85 -16.76
N ASP B 119 -11.61 6.10 -18.03
CA ASP B 119 -12.18 5.35 -19.15
C ASP B 119 -11.59 3.96 -19.27
N PHE B 120 -10.44 3.74 -18.66
CA PHE B 120 -9.68 2.52 -18.84
C PHE B 120 -10.44 1.25 -18.42
N ALA B 121 -10.87 1.19 -17.15
CA ALA B 121 -11.46 -0.05 -16.62
C ALA B 121 -12.68 -0.50 -17.43
N PRO B 122 -13.59 0.44 -17.77
CA PRO B 122 -14.71 0.12 -18.67
C PRO B 122 -14.30 -0.44 -20.02
N SER B 123 -13.24 0.12 -20.65
CA SER B 123 -12.77 -0.40 -21.93
C SER B 123 -12.22 -1.80 -21.77
N LEU B 124 -11.36 -1.95 -20.76
CA LEU B 124 -10.77 -3.25 -20.46
C LEU B 124 -11.85 -4.31 -20.35
N LEU B 125 -12.89 -4.04 -19.56
CA LEU B 125 -13.97 -5.01 -19.38
C LEU B 125 -14.65 -5.32 -20.70
N GLN B 126 -15.01 -4.26 -21.42
CA GLN B 126 -15.68 -4.37 -22.71
C GLN B 126 -14.84 -5.20 -23.71
N VAL B 127 -13.55 -4.90 -23.82
CA VAL B 127 -12.68 -5.56 -24.81
C VAL B 127 -12.47 -7.03 -24.44
N TRP B 128 -12.32 -7.31 -23.14
CA TRP B 128 -12.30 -8.69 -22.66
C TRP B 128 -13.54 -9.44 -23.03
N LYS B 129 -14.70 -8.82 -22.85
CA LYS B 129 -15.94 -9.49 -23.21
C LYS B 129 -15.99 -9.86 -24.69
N LYS B 130 -15.63 -8.93 -25.56
CA LYS B 130 -15.66 -9.21 -27.01
C LYS B 130 -14.66 -10.29 -27.35
N HIS B 131 -13.50 -10.26 -26.70
CA HIS B 131 -12.47 -11.25 -26.93
C HIS B 131 -12.93 -12.66 -26.67
N PHE B 132 -13.68 -12.88 -25.60
CA PHE B 132 -14.20 -14.23 -25.32
C PHE B 132 -15.31 -14.59 -26.27
N GLU B 133 -16.13 -13.61 -26.62
CA GLU B 133 -17.18 -13.83 -27.60
C GLU B 133 -16.52 -14.27 -28.91
N ALA B 134 -15.51 -13.50 -29.34
CA ALA B 134 -14.73 -13.81 -30.54
C ALA B 134 -14.21 -15.24 -30.51
N ARG B 135 -13.70 -15.68 -29.37
CA ARG B 135 -13.09 -17.00 -29.25
C ARG B 135 -14.08 -18.16 -29.41
N LYS B 136 -15.33 -17.96 -29.03
CA LYS B 136 -16.36 -18.99 -29.23
C LYS B 136 -16.46 -19.44 -30.69
N GLU B 137 -16.28 -18.51 -31.61
CA GLU B 137 -16.39 -18.80 -33.04
C GLU B 137 -15.15 -19.49 -33.60
N GLU B 138 -14.04 -19.41 -32.89
CA GLU B 138 -12.78 -19.99 -33.34
C GLU B 138 -12.87 -21.51 -33.33
N LYS B 139 -12.20 -22.16 -34.27
CA LYS B 139 -12.28 -23.62 -34.38
C LYS B 139 -11.33 -24.28 -33.38
N THR B 140 -10.09 -23.79 -33.33
CA THR B 140 -9.14 -24.22 -32.33
C THR B 140 -9.16 -23.26 -31.15
N PRO B 141 -9.78 -23.67 -30.02
CA PRO B 141 -9.51 -22.90 -28.81
C PRO B 141 -8.01 -22.83 -28.55
N ASN B 142 -7.47 -21.62 -28.48
CA ASN B 142 -6.11 -21.45 -28.01
C ASN B 142 -6.13 -21.61 -26.48
N ILE B 143 -5.61 -22.73 -26.01
CA ILE B 143 -5.68 -23.06 -24.59
C ILE B 143 -4.58 -22.39 -23.79
N THR B 144 -3.40 -22.21 -24.40
CA THR B 144 -2.32 -21.44 -23.77
C THR B 144 -2.77 -20.04 -23.39
N LYS B 145 -3.49 -19.37 -24.28
CA LYS B 145 -3.93 -18.00 -24.03
C LYS B 145 -5.14 -18.02 -23.09
N LEU B 146 -6.02 -19.00 -23.22
CA LEU B 146 -7.16 -19.05 -22.29
C LEU B 146 -6.68 -19.23 -20.86
N ARG B 147 -5.59 -19.98 -20.70
CA ARG B 147 -4.98 -20.23 -19.41
C ARG B 147 -4.50 -18.94 -18.74
N THR B 148 -3.85 -18.07 -19.49
CA THR B 148 -3.38 -16.81 -18.93
C THR B 148 -4.50 -15.82 -18.83
N ASP B 149 -5.39 -15.80 -19.82
CA ASP B 149 -6.52 -14.88 -19.77
C ASP B 149 -7.27 -15.06 -18.46
N LEU B 150 -7.68 -16.29 -18.18
CA LEU B 150 -8.48 -16.57 -17.00
C LEU B 150 -7.80 -16.10 -15.71
N ARG B 151 -6.50 -16.36 -15.59
CA ARG B 151 -5.76 -15.91 -14.41
C ARG B 151 -5.73 -14.39 -14.37
N PHE B 152 -5.54 -13.78 -15.55
CA PHE B 152 -5.40 -12.33 -15.67
C PHE B 152 -6.69 -11.66 -15.22
N ILE B 153 -7.83 -12.10 -15.74
CA ILE B 153 -9.10 -11.45 -15.38
C ILE B 153 -9.44 -11.66 -13.90
N ALA B 154 -9.02 -12.80 -13.35
CA ALA B 154 -9.18 -13.05 -11.91
C ALA B 154 -8.38 -12.04 -11.10
N GLU B 155 -7.11 -11.80 -11.43
CA GLU B 155 -6.34 -10.79 -10.68
C GLU B 155 -6.96 -9.40 -10.80
N LEU B 156 -7.37 -9.04 -12.01
CA LEU B 156 -8.01 -7.74 -12.25
C LEU B 156 -9.17 -7.55 -11.30
N THR B 157 -9.93 -8.62 -11.10
CA THR B 157 -11.01 -8.60 -10.12
C THR B 157 -10.49 -8.50 -8.68
N ILE B 158 -9.61 -9.43 -8.29
CA ILE B 158 -9.06 -9.45 -6.93
C ILE B 158 -8.51 -8.10 -6.53
N VAL B 159 -7.95 -7.41 -7.52
CA VAL B 159 -7.17 -6.20 -7.30
C VAL B 159 -8.00 -4.94 -7.47
N GLY B 160 -9.31 -5.12 -7.64
CA GLY B 160 -10.25 -4.02 -7.59
C GLY B 160 -10.43 -3.22 -8.86
N ILE B 161 -9.77 -3.61 -9.95
CA ILE B 161 -9.93 -2.92 -11.22
C ILE B 161 -11.32 -3.19 -11.78
N PHE B 162 -11.72 -4.45 -11.85
CA PHE B 162 -13.12 -4.78 -12.09
C PHE B 162 -13.82 -4.82 -10.73
N THR B 163 -15.10 -4.43 -10.68
CA THR B 163 -15.90 -4.65 -9.46
C THR B 163 -16.15 -6.13 -9.29
N ASP B 164 -16.55 -6.53 -8.09
CA ASP B 164 -16.95 -7.92 -7.83
C ASP B 164 -18.00 -8.40 -8.82
N LYS B 165 -19.05 -7.61 -9.01
CA LYS B 165 -20.14 -7.98 -9.91
C LYS B 165 -19.64 -8.23 -11.33
N GLU B 166 -18.93 -7.28 -11.92
CA GLU B 166 -18.48 -7.43 -13.30
C GLU B 166 -17.43 -8.53 -13.39
N GLY B 167 -16.44 -8.44 -12.52
CA GLY B 167 -15.31 -9.36 -12.51
C GLY B 167 -15.70 -10.81 -12.29
N LEU B 168 -16.42 -11.09 -11.19
CA LEU B 168 -16.79 -12.45 -10.85
C LEU B 168 -17.69 -13.02 -11.92
N SER B 169 -18.62 -12.19 -12.38
CA SER B 169 -19.54 -12.57 -13.43
C SER B 169 -18.78 -13.04 -14.68
N LEU B 170 -17.81 -12.25 -15.12
CA LEU B 170 -16.98 -12.59 -16.28
C LEU B 170 -16.18 -13.87 -16.06
N ILE B 171 -15.54 -14.02 -14.90
CA ILE B 171 -14.79 -15.23 -14.59
C ILE B 171 -15.70 -16.47 -14.63
N TYR B 172 -16.89 -16.35 -14.03
CA TYR B 172 -17.84 -17.47 -13.97
C TYR B 172 -18.25 -17.98 -15.34
N GLU B 173 -18.56 -17.07 -16.25
CA GLU B 173 -18.95 -17.45 -17.60
C GLU B 173 -17.90 -18.33 -18.24
N GLN B 174 -16.64 -17.91 -18.17
CA GLN B 174 -15.55 -18.67 -18.76
C GLN B 174 -15.36 -20.01 -18.07
N LEU B 175 -15.50 -20.03 -16.76
CA LEU B 175 -15.28 -21.24 -16.01
C LEU B 175 -16.36 -22.25 -16.38
N LYS B 176 -17.59 -21.76 -16.48
CA LYS B 176 -18.72 -22.58 -16.90
C LYS B 176 -18.45 -23.23 -18.25
N ASN B 177 -18.05 -22.43 -19.24
CA ASN B 177 -17.72 -22.95 -20.57
C ASN B 177 -16.65 -24.06 -20.52
N ILE B 178 -15.70 -23.93 -19.61
CA ILE B 178 -14.65 -24.95 -19.46
C ILE B 178 -15.21 -26.26 -18.88
N ILE B 179 -16.01 -26.15 -17.82
CA ILE B 179 -16.69 -27.32 -17.25
C ILE B 179 -17.48 -28.07 -18.33
N ASN B 180 -18.26 -27.34 -19.13
CA ASN B 180 -18.99 -27.95 -20.25
C ASN B 180 -18.03 -28.50 -21.28
N ALA B 181 -17.14 -27.66 -21.79
CA ALA B 181 -16.14 -28.09 -22.75
C ALA B 181 -15.53 -29.44 -22.37
N ASP B 182 -15.25 -29.65 -21.08
CA ASP B 182 -14.53 -30.83 -20.59
C ASP B 182 -15.37 -31.81 -19.78
N ARG B 183 -16.57 -32.13 -20.23
CA ARG B 183 -17.35 -33.16 -19.54
C ARG B 183 -16.74 -34.56 -19.71
N GLU B 184 -16.20 -34.85 -20.89
CA GLU B 184 -15.70 -36.17 -21.22
C GLU B 184 -14.16 -36.19 -21.15
N SER B 185 -13.51 -35.42 -22.02
CA SER B 185 -12.05 -35.28 -21.99
C SER B 185 -11.68 -34.03 -21.18
N HIS B 186 -10.38 -33.81 -20.99
CA HIS B 186 -9.93 -32.74 -20.10
C HIS B 186 -8.77 -31.96 -20.64
N THR B 187 -8.94 -31.48 -21.85
CA THR B 187 -7.92 -30.67 -22.55
C THR B 187 -7.65 -29.33 -21.88
N HIS B 188 -8.58 -28.86 -21.03
CA HIS B 188 -8.45 -27.59 -20.31
C HIS B 188 -7.95 -27.68 -18.86
N VAL B 189 -7.50 -28.86 -18.38
CA VAL B 189 -7.04 -29.00 -16.96
C VAL B 189 -6.00 -27.96 -16.54
N SER B 190 -5.05 -27.68 -17.43
CA SER B 190 -4.03 -26.64 -17.22
C SER B 190 -4.59 -25.32 -16.77
N VAL B 191 -5.73 -24.98 -17.33
CA VAL B 191 -6.37 -23.70 -17.12
C VAL B 191 -6.96 -23.68 -15.72
N VAL B 192 -7.63 -24.78 -15.38
CA VAL B 192 -8.26 -24.88 -14.09
C VAL B 192 -7.22 -24.95 -12.97
N ILE B 193 -6.19 -25.75 -13.16
CA ILE B 193 -5.10 -25.84 -12.19
C ILE B 193 -4.48 -24.46 -12.02
N SER B 194 -4.23 -23.77 -13.13
CA SER B 194 -3.55 -22.49 -13.08
C SER B 194 -4.42 -21.46 -12.38
N PHE B 195 -5.67 -21.38 -12.80
CA PHE B 195 -6.65 -20.53 -12.12
C PHE B 195 -6.70 -20.81 -10.61
N CYS B 196 -6.76 -22.09 -10.25
CA CYS B 196 -6.84 -22.50 -8.84
C CYS B 196 -5.56 -22.17 -8.05
N ARG B 197 -4.41 -22.56 -8.61
CA ARG B 197 -3.11 -22.32 -7.99
C ARG B 197 -2.90 -20.85 -7.65
N HIS B 198 -3.19 -19.95 -8.59
CA HIS B 198 -2.86 -18.55 -8.42
C HIS B 198 -3.98 -17.73 -7.85
N CYS B 199 -5.22 -18.09 -8.12
CA CYS B 199 -6.37 -17.24 -7.79
C CYS B 199 -7.48 -17.90 -6.97
N GLY B 200 -7.43 -19.21 -6.82
CA GLY B 200 -8.47 -19.94 -6.10
C GLY B 200 -8.74 -19.47 -4.68
N ASP B 201 -7.68 -19.12 -3.95
CA ASP B 201 -7.84 -18.77 -2.57
C ASP B 201 -8.90 -17.69 -2.42
N ASP B 202 -8.82 -16.65 -3.24
CA ASP B 202 -9.70 -15.50 -3.10
C ASP B 202 -11.01 -15.62 -3.87
N ILE B 203 -10.95 -16.13 -5.09
CA ILE B 203 -12.13 -16.18 -5.92
C ILE B 203 -13.05 -17.33 -5.52
N ALA B 204 -12.47 -18.48 -5.15
CA ALA B 204 -13.24 -19.68 -4.84
C ALA B 204 -13.12 -20.13 -3.39
N GLY B 205 -12.45 -19.36 -2.55
CA GLY B 205 -12.32 -19.72 -1.15
C GLY B 205 -11.50 -21.00 -0.96
N LEU B 206 -10.56 -21.26 -1.85
CA LEU B 206 -9.76 -22.49 -1.74
C LEU B 206 -8.71 -22.39 -0.64
N VAL B 207 -8.53 -23.50 0.07
CA VAL B 207 -7.41 -23.67 0.98
C VAL B 207 -6.87 -25.06 0.69
N PRO B 208 -5.76 -25.14 -0.05
CA PRO B 208 -5.23 -26.43 -0.47
C PRO B 208 -4.82 -27.32 0.69
N ARG B 209 -4.86 -28.62 0.45
CA ARG B 209 -4.37 -29.61 1.42
C ARG B 209 -2.92 -29.29 1.83
N LYS B 210 -2.06 -28.97 0.85
CA LYS B 210 -0.66 -28.62 1.16
C LYS B 210 -0.58 -27.52 2.20
N VAL B 211 -1.47 -26.54 2.10
CA VAL B 211 -1.47 -25.38 2.99
C VAL B 211 -2.00 -25.75 4.36
N LYS B 212 -3.13 -26.44 4.40
CA LYS B 212 -3.65 -26.97 5.65
C LYS B 212 -2.61 -27.83 6.38
N SER B 213 -2.02 -28.78 5.67
CA SER B 213 -1.05 -29.70 6.25
C SER B 213 0.17 -28.97 6.78
N ALA B 214 0.66 -27.97 6.05
CA ALA B 214 1.83 -27.22 6.49
C ALA B 214 1.52 -26.43 7.78
N ALA B 215 0.34 -25.82 7.81
CA ALA B 215 -0.07 -24.98 8.93
C ALA B 215 -0.08 -25.81 10.21
N GLU B 216 -0.72 -26.97 10.14
CA GLU B 216 -0.80 -27.88 11.26
C GLU B 216 0.56 -28.47 11.65
N LYS B 217 1.32 -28.95 10.66
CA LYS B 217 2.55 -29.68 10.91
C LYS B 217 3.65 -28.79 11.44
N PHE B 218 3.73 -27.56 10.96
CA PHE B 218 4.82 -26.63 11.31
C PHE B 218 4.34 -25.38 12.05
N ASN B 219 3.06 -25.37 12.42
CA ASN B 219 2.49 -24.28 13.23
C ASN B 219 2.71 -22.92 12.59
N LEU B 220 2.42 -22.88 11.29
CA LEU B 220 2.55 -21.66 10.51
C LEU B 220 1.16 -21.13 10.28
N SER B 221 1.02 -19.83 10.34
CA SER B 221 -0.28 -19.19 10.21
C SER B 221 -0.44 -18.52 8.84
N PHE B 222 -1.31 -19.07 7.99
CA PHE B 222 -1.48 -18.59 6.61
C PHE B 222 -2.46 -17.43 6.49
N PRO B 223 -2.35 -16.61 5.41
CA PRO B 223 -3.22 -15.44 5.24
C PRO B 223 -4.69 -15.81 5.25
N PRO B 224 -5.57 -14.93 5.76
CA PRO B 224 -7.01 -15.20 5.74
C PRO B 224 -7.66 -14.72 4.46
N SER B 225 -8.78 -15.34 4.09
CA SER B 225 -9.61 -14.87 2.99
C SER B 225 -10.46 -13.64 3.39
N GLU B 226 -10.18 -12.49 2.78
CA GLU B 226 -10.80 -11.22 3.16
C GLU B 226 -11.23 -10.34 2.00
N ILE B 227 -11.15 -10.82 0.77
CA ILE B 227 -11.43 -9.97 -0.38
C ILE B 227 -12.81 -10.28 -0.95
N ILE B 228 -13.09 -11.55 -1.20
CA ILE B 228 -14.36 -11.96 -1.77
C ILE B 228 -15.08 -12.79 -0.73
N SER B 229 -16.34 -12.44 -0.47
CA SER B 229 -17.13 -13.09 0.56
C SER B 229 -17.26 -14.58 0.26
N PRO B 230 -17.45 -15.41 1.31
CA PRO B 230 -17.71 -16.83 1.11
C PRO B 230 -18.91 -17.06 0.20
N GLU B 231 -19.93 -16.22 0.34
CA GLU B 231 -21.15 -16.31 -0.48
C GLU B 231 -20.80 -16.24 -1.95
N LYS B 232 -20.05 -15.21 -2.33
CA LYS B 232 -19.61 -15.04 -3.71
C LYS B 232 -18.58 -16.09 -4.14
N GLN B 233 -17.80 -16.61 -3.19
CA GLN B 233 -16.83 -17.67 -3.52
C GLN B 233 -17.46 -19.01 -3.85
N GLN B 234 -18.60 -19.32 -3.22
CA GLN B 234 -19.16 -20.68 -3.27
C GLN B 234 -19.47 -21.21 -4.68
N PRO B 235 -20.09 -20.38 -5.53
CA PRO B 235 -20.41 -20.87 -6.87
C PRO B 235 -19.18 -21.36 -7.64
N PHE B 236 -18.08 -20.64 -7.50
CA PHE B 236 -16.84 -21.05 -8.14
C PHE B 236 -16.35 -22.38 -7.58
N GLN B 237 -16.41 -22.53 -6.26
CA GLN B 237 -16.00 -23.79 -5.66
C GLN B 237 -16.83 -24.94 -6.20
N ASN B 238 -18.15 -24.76 -6.25
CA ASN B 238 -19.03 -25.81 -6.78
C ASN B 238 -18.70 -26.18 -8.23
N LEU B 239 -18.40 -25.19 -9.08
CA LEU B 239 -17.99 -25.52 -10.45
C LEU B 239 -16.71 -26.35 -10.45
N LEU B 240 -15.74 -25.96 -9.62
CA LEU B 240 -14.45 -26.65 -9.57
C LEU B 240 -14.57 -28.10 -9.07
N LYS B 241 -15.44 -28.34 -8.09
CA LYS B 241 -15.72 -29.71 -7.64
C LYS B 241 -16.40 -30.52 -8.74
N GLU B 242 -17.34 -29.89 -9.43
CA GLU B 242 -17.97 -30.50 -10.61
C GLU B 242 -16.89 -30.87 -11.65
N TYR B 243 -15.94 -29.98 -11.92
CA TYR B 243 -14.84 -30.33 -12.83
C TYR B 243 -14.00 -31.49 -12.29
N PHE B 244 -13.67 -31.46 -11.00
CA PHE B 244 -12.84 -32.50 -10.42
C PHE B 244 -13.46 -33.89 -10.53
N THR B 245 -14.76 -33.98 -10.23
CA THR B 245 -15.50 -35.23 -10.39
C THR B 245 -15.42 -35.74 -11.82
N SER B 246 -15.71 -34.83 -12.75
CA SER B 246 -15.57 -35.09 -14.18
C SER B 246 -14.18 -35.64 -14.50
N LEU B 247 -13.16 -34.94 -14.03
CA LEU B 247 -11.77 -35.34 -14.29
C LEU B 247 -11.45 -36.69 -13.66
N THR B 248 -12.11 -37.00 -12.56
CA THR B 248 -11.89 -38.26 -11.87
C THR B 248 -12.50 -39.47 -12.60
N LYS B 249 -13.68 -39.31 -13.19
CA LYS B 249 -14.27 -40.38 -14.00
C LYS B 249 -13.36 -40.73 -15.17
N HIS B 250 -12.92 -39.71 -15.90
CA HIS B 250 -11.96 -39.88 -16.98
C HIS B 250 -10.74 -40.61 -16.49
N LEU B 251 -10.22 -40.25 -15.32
CA LEU B 251 -9.04 -40.91 -14.77
C LEU B 251 -9.28 -42.40 -14.44
N LYS B 252 -10.44 -42.70 -13.86
CA LYS B 252 -10.78 -44.10 -13.52
C LYS B 252 -10.95 -44.92 -14.78
N ARG B 253 -11.58 -44.33 -15.79
CA ARG B 253 -11.72 -44.94 -17.11
C ARG B 253 -10.37 -45.40 -17.67
N ASP B 254 -9.42 -44.47 -17.82
CA ASP B 254 -8.13 -44.81 -18.42
C ASP B 254 -7.32 -45.80 -17.58
N HIS B 255 -7.51 -45.76 -16.26
CA HIS B 255 -6.88 -46.72 -15.34
C HIS B 255 -7.44 -48.10 -15.56
N ARG B 256 -8.65 -48.19 -16.10
CA ARG B 256 -9.25 -49.45 -16.50
C ARG B 256 -8.50 -49.97 -17.73
N GLU B 257 -8.46 -49.14 -18.76
CA GLU B 257 -7.83 -49.48 -20.04
C GLU B 257 -6.35 -49.83 -19.89
N LEU B 258 -5.62 -49.02 -19.15
CA LEU B 258 -4.18 -49.26 -18.97
C LEU B 258 -3.95 -50.59 -18.26
N GLN B 259 -4.75 -50.87 -17.23
CA GLN B 259 -4.61 -52.13 -16.50
C GLN B 259 -5.02 -53.34 -17.33
N ASN B 260 -5.90 -53.14 -18.31
CA ASN B 260 -6.23 -54.19 -19.26
C ASN B 260 -5.07 -54.48 -20.18
N THR B 261 -4.58 -53.43 -20.88
CA THR B 261 -3.42 -53.56 -21.76
C THR B 261 -2.22 -54.12 -21.00
N GLU B 262 -1.99 -53.62 -19.80
CA GLU B 262 -0.91 -54.11 -18.92
C GLU B 262 -1.02 -55.63 -18.72
N ARG B 263 -2.23 -56.11 -18.41
CA ARG B 263 -2.48 -57.52 -18.14
C ARG B 263 -2.53 -58.40 -19.41
N GLN B 264 -2.96 -57.83 -20.53
CA GLN B 264 -2.94 -58.54 -21.81
C GLN B 264 -1.51 -58.84 -22.27
N ASN B 265 -0.56 -58.00 -21.86
CA ASN B 265 0.84 -58.18 -22.21
C ASN B 265 1.57 -59.13 -21.26
N ARG B 266 0.92 -59.49 -20.15
CA ARG B 266 1.42 -60.54 -19.25
C ARG B 266 1.09 -61.93 -19.79
N ARG B 267 -0.01 -62.04 -20.52
CA ARG B 267 -0.34 -63.28 -21.23
C ARG B 267 0.40 -63.38 -22.58
N ILE B 268 0.92 -62.25 -23.08
CA ILE B 268 1.78 -62.23 -24.28
C ILE B 268 3.28 -62.12 -23.90
N LEU B 269 3.61 -62.56 -22.68
CA LEU B 269 5.01 -62.78 -22.26
C LEU B 269 5.19 -64.17 -21.64
N HIS B 270 4.18 -64.62 -20.88
CA HIS B 270 4.08 -66.00 -20.41
C HIS B 270 3.91 -66.92 -21.58
N SER B 271 3.33 -66.39 -22.67
CA SER B 271 3.27 -67.08 -23.96
C SER B 271 4.44 -66.65 -24.85
N LYS B 272 5.63 -67.13 -24.49
CA LYS B 272 6.88 -66.90 -25.24
C LYS B 272 7.29 -65.41 -25.37
N GLY B 273 7.43 -64.75 -24.22
CA GLY B 273 7.98 -63.39 -24.13
C GLY B 273 7.68 -62.44 -25.29
N GLU B 274 8.65 -61.59 -25.61
CA GLU B 274 8.73 -60.93 -26.92
C GLU B 274 7.56 -59.98 -27.23
N LEU B 275 7.42 -59.64 -28.52
CA LEU B 275 6.46 -58.65 -29.05
C LEU B 275 6.77 -57.23 -28.61
N SER B 276 7.21 -56.42 -29.57
CA SER B 276 7.37 -54.98 -29.40
C SER B 276 7.11 -54.29 -30.74
N GLU B 277 5.94 -54.60 -31.30
CA GLU B 277 5.54 -54.13 -32.63
C GLU B 277 5.32 -52.62 -32.58
N ASP B 278 4.06 -52.18 -32.56
CA ASP B 278 3.70 -50.87 -32.02
C ASP B 278 2.56 -51.07 -31.00
N ARG B 279 2.63 -52.21 -30.29
CA ARG B 279 1.97 -52.36 -29.00
C ARG B 279 2.88 -51.68 -27.98
N HIS B 280 4.18 -51.93 -28.12
CA HIS B 280 5.22 -51.22 -27.38
C HIS B 280 4.98 -49.74 -27.44
N LYS B 281 4.70 -49.25 -28.64
CA LYS B 281 4.54 -47.81 -28.91
C LYS B 281 3.21 -47.26 -28.41
N GLN B 282 2.13 -48.01 -28.61
CA GLN B 282 0.80 -47.59 -28.15
C GLN B 282 0.73 -47.60 -26.62
N TYR B 283 1.28 -48.63 -25.99
CA TYR B 283 1.30 -48.73 -24.54
C TYR B 283 1.91 -47.49 -23.90
N GLU B 284 3.14 -47.17 -24.29
CA GLU B 284 3.86 -46.06 -23.70
C GLU B 284 3.25 -44.71 -24.02
N GLU B 285 2.48 -44.62 -25.11
CA GLU B 285 1.71 -43.42 -25.38
C GLU B 285 0.43 -43.41 -24.55
N PHE B 286 -0.19 -44.58 -24.38
CA PHE B 286 -1.36 -44.74 -23.52
C PHE B 286 -0.95 -44.61 -22.05
N ALA B 287 0.29 -44.94 -21.76
CA ALA B 287 0.84 -44.89 -20.40
C ALA B 287 1.27 -43.48 -20.02
N MSE B 288 1.84 -42.76 -20.98
CA MSE B 288 2.36 -41.42 -20.72
C MSE B 288 1.26 -40.42 -20.56
O MSE B 288 1.36 -39.53 -19.72
CB MSE B 288 3.23 -41.00 -21.88
CG MSE B 288 3.97 -39.70 -21.61
SE MSE B 288 5.10 -39.40 -23.18
CE MSE B 288 6.34 -40.91 -22.95
N SER B 289 0.22 -40.53 -21.37
CA SER B 289 -0.92 -39.65 -21.24
C SER B 289 -1.66 -39.93 -19.94
N TYR B 290 -1.63 -41.19 -19.48
CA TYR B 290 -2.15 -41.53 -18.16
C TYR B 290 -1.35 -40.86 -17.04
N GLN B 291 -0.02 -40.92 -17.10
CA GLN B 291 0.80 -40.32 -16.05
C GLN B 291 0.58 -38.80 -15.99
N LYS B 292 0.44 -38.15 -17.14
CA LYS B 292 0.14 -36.71 -17.19
C LYS B 292 -1.22 -36.42 -16.55
N LEU B 293 -2.19 -37.28 -16.84
CA LEU B 293 -3.54 -37.14 -16.30
C LEU B 293 -3.54 -37.38 -14.78
N LEU B 294 -2.82 -38.40 -14.33
CA LEU B 294 -2.66 -38.70 -12.91
C LEU B 294 -2.08 -37.50 -12.17
N ALA B 295 -0.97 -36.99 -12.66
CA ALA B 295 -0.32 -35.84 -12.04
C ALA B 295 -1.29 -34.66 -11.96
N ASN B 296 -1.91 -34.33 -13.09
CA ASN B 296 -2.88 -33.22 -13.13
C ASN B 296 -4.05 -33.44 -12.15
N SER B 297 -4.55 -34.66 -12.09
CA SER B 297 -5.60 -35.01 -11.13
C SER B 297 -5.15 -34.75 -9.69
N GLN B 298 -3.89 -35.05 -9.40
CA GLN B 298 -3.36 -34.91 -8.05
C GLN B 298 -3.16 -33.46 -7.67
N SER B 299 -2.65 -32.68 -8.60
CA SER B 299 -2.48 -31.25 -8.35
C SER B 299 -3.81 -30.64 -8.01
N LEU B 300 -4.78 -30.87 -8.87
CA LEU B 300 -6.10 -30.30 -8.67
C LEU B 300 -6.71 -30.83 -7.39
N ALA B 301 -6.59 -32.13 -7.14
CA ALA B 301 -7.13 -32.76 -5.90
C ALA B 301 -6.61 -32.04 -4.68
N ASP B 302 -5.32 -31.72 -4.69
CA ASP B 302 -4.73 -31.04 -3.56
C ASP B 302 -5.30 -29.64 -3.40
N LEU B 303 -5.27 -28.86 -4.49
CA LEU B 303 -5.82 -27.51 -4.49
C LEU B 303 -7.27 -27.43 -3.98
N LEU B 304 -8.07 -28.45 -4.27
CA LEU B 304 -9.46 -28.49 -3.87
C LEU B 304 -9.68 -29.19 -2.54
N ASP B 305 -8.60 -29.70 -1.94
CA ASP B 305 -8.65 -30.46 -0.71
C ASP B 305 -9.61 -31.63 -0.84
N GLU B 306 -9.47 -32.39 -1.92
CA GLU B 306 -10.26 -33.59 -2.16
C GLU B 306 -9.35 -34.81 -2.19
N ASN B 307 -9.90 -35.96 -1.84
CA ASN B 307 -9.18 -37.24 -1.92
C ASN B 307 -9.17 -37.72 -3.36
N MSE B 308 -8.03 -38.24 -3.78
CA MSE B 308 -7.93 -38.91 -5.07
C MSE B 308 -8.80 -40.13 -5.02
O MSE B 308 -9.01 -40.69 -3.93
CB MSE B 308 -6.49 -39.33 -5.33
CG MSE B 308 -5.64 -38.13 -5.70
SE MSE B 308 -6.11 -37.48 -7.49
CE MSE B 308 -5.30 -39.02 -8.41
N PRO B 309 -9.32 -40.57 -6.18
CA PRO B 309 -10.06 -41.82 -6.21
C PRO B 309 -9.13 -42.96 -5.92
N ASP B 310 -9.67 -44.06 -5.41
CA ASP B 310 -8.84 -45.22 -5.09
C ASP B 310 -8.59 -46.01 -6.38
N LEU B 311 -7.32 -46.10 -6.78
CA LEU B 311 -6.94 -46.75 -8.03
C LEU B 311 -6.19 -48.07 -7.77
N PRO B 312 -6.91 -49.21 -7.82
CA PRO B 312 -6.35 -50.51 -7.42
C PRO B 312 -5.22 -50.99 -8.33
N GLN B 313 -4.23 -51.67 -7.75
CA GLN B 313 -3.07 -52.17 -8.49
C GLN B 313 -2.66 -53.54 -8.00
#